data_4U6S
#
_entry.id   4U6S
#
_cell.length_a   84.121
_cell.length_b   84.121
_cell.length_c   158.753
_cell.angle_alpha   90.00
_cell.angle_beta   90.00
_cell.angle_gamma   120.00
#
_symmetry.space_group_name_H-M   'P 64 2 2'
#
loop_
_entity.id
_entity.type
_entity.pdbx_description
1 polymer 'C-terminal-binding protein 1'
2 non-polymer NICOTINAMIDE-ADENINE-DINUCLEOTIDE
3 non-polymer '3-PHENYLPYRUVIC ACID'
4 non-polymer 'CALCIUM ION'
5 non-polymer 'FORMIC ACID'
6 water water
#
_entity_poly.entity_id   1
_entity_poly.type   'polypeptide(L)'
_entity_poly.pdbx_seq_one_letter_code
;MGSSHHHHHHSSGLVPRGSHMPLVALLDGRDCTVEMPILKDVATVAFCDAQSTQEIHEKVLNEAVGALMYHTITLTREDL
EKFKALRIIVRIGSGFDNIDIKSAGDLGIAVCNVPAASVEETADSTLCHILNLYRRATWLHQALREGTRVQSVEQIREVA
SGAARIRGETLGIIGLGRVGQAVALRAKAFGFNVLFYDPYLSDGVERALGLQRVSTLQDLLFHSDCVTLHCGLNEHNHHL
INDFTVKQMRQGAFLVNTARGGLVDEKALAQALKEGRIRGAALDVHESEPFSFSQGPLKDAPNLICTPHAAWYSEQASIE
MREEAAREIRRAITGRIPDSLKNCVNK
;
_entity_poly.pdbx_strand_id   A
#
# COMPACT_ATOMS: atom_id res chain seq x y z
N HIS A 20 31.65 -20.39 -2.63
CA HIS A 20 30.83 -20.34 -1.42
C HIS A 20 29.35 -20.45 -1.76
N MET A 21 28.94 -19.73 -2.80
CA MET A 21 27.55 -19.75 -3.24
C MET A 21 26.61 -19.64 -2.03
N PRO A 22 26.59 -18.46 -1.39
CA PRO A 22 25.79 -18.27 -0.17
C PRO A 22 24.30 -18.49 -0.41
N LEU A 23 23.60 -18.90 0.64
CA LEU A 23 22.17 -19.19 0.54
C LEU A 23 21.33 -17.92 0.52
N VAL A 24 20.44 -17.82 -0.46
CA VAL A 24 19.46 -16.74 -0.53
C VAL A 24 18.08 -17.37 -0.51
N ALA A 25 17.23 -16.90 0.40
CA ALA A 25 15.93 -17.53 0.61
C ALA A 25 14.77 -16.57 0.33
N LEU A 26 13.82 -17.03 -0.47
CA LEU A 26 12.54 -16.35 -0.65
C LEU A 26 11.62 -16.84 0.45
N LEU A 27 11.31 -15.97 1.41
CA LEU A 27 10.62 -16.40 2.63
C LEU A 27 9.14 -16.70 2.39
N ASP A 28 8.39 -15.69 1.97
CA ASP A 28 6.94 -15.85 1.81
C ASP A 28 6.55 -15.99 0.35
N GLY A 29 7.21 -16.92 -0.34
CA GLY A 29 6.90 -17.20 -1.73
C GLY A 29 7.37 -18.59 -2.11
N ARG A 30 6.97 -19.04 -3.29
CA ARG A 30 7.32 -20.38 -3.75
C ARG A 30 7.98 -20.37 -5.13
N ASP A 31 8.02 -19.21 -5.77
CA ASP A 31 8.53 -19.08 -7.12
C ASP A 31 9.73 -18.16 -7.16
N CYS A 32 10.84 -18.64 -7.70
CA CYS A 32 12.07 -17.85 -7.78
C CYS A 32 12.58 -17.73 -9.22
N THR A 33 11.70 -17.99 -10.18
CA THR A 33 12.11 -18.09 -11.59
C THR A 33 12.67 -16.78 -12.13
N VAL A 34 12.05 -15.66 -11.79
CA VAL A 34 12.50 -14.36 -12.26
C VAL A 34 13.88 -14.03 -11.69
N GLU A 35 14.09 -14.42 -10.44
CA GLU A 35 15.31 -14.06 -9.72
C GLU A 35 16.52 -14.89 -10.16
N MET A 36 16.27 -16.13 -10.57
CA MET A 36 17.35 -17.09 -10.79
C MET A 36 18.41 -16.62 -11.81
N PRO A 37 17.97 -16.12 -12.97
CA PRO A 37 18.95 -15.68 -13.98
C PRO A 37 19.88 -14.58 -13.49
N ILE A 38 19.46 -13.85 -12.46
CA ILE A 38 20.26 -12.75 -11.93
C ILE A 38 21.17 -13.21 -10.78
N LEU A 39 20.87 -14.37 -10.20
CA LEU A 39 21.61 -14.87 -9.04
C LEU A 39 22.28 -16.22 -9.28
N LYS A 40 21.99 -16.83 -10.43
CA LYS A 40 22.40 -18.20 -10.71
C LYS A 40 23.85 -18.51 -10.34
N ASP A 41 24.74 -17.58 -10.62
CA ASP A 41 26.18 -17.85 -10.50
C ASP A 41 26.79 -17.44 -9.17
N VAL A 42 26.03 -16.70 -8.35
CA VAL A 42 26.59 -16.16 -7.11
C VAL A 42 25.81 -16.55 -5.85
N ALA A 43 24.75 -17.35 -5.98
CA ALA A 43 23.98 -17.72 -4.81
C ALA A 43 23.22 -19.03 -4.98
N THR A 44 23.14 -19.78 -3.89
CA THR A 44 22.23 -20.91 -3.80
C THR A 44 20.87 -20.34 -3.45
N VAL A 45 19.89 -20.55 -4.32
CA VAL A 45 18.57 -19.96 -4.12
C VAL A 45 17.53 -21.01 -3.73
N ALA A 46 16.80 -20.71 -2.65
CA ALA A 46 15.74 -21.60 -2.17
C ALA A 46 14.51 -20.78 -1.79
N PHE A 47 13.37 -21.46 -1.62
CA PHE A 47 12.16 -20.80 -1.16
C PHE A 47 11.58 -21.53 0.04
N CYS A 48 10.79 -20.81 0.84
CA CYS A 48 10.26 -21.35 2.09
C CYS A 48 8.74 -21.40 2.08
N ASP A 49 8.11 -20.62 1.20
CA ASP A 49 6.66 -20.50 1.17
C ASP A 49 6.10 -20.44 2.59
N ALA A 50 6.64 -19.53 3.39
CA ALA A 50 6.29 -19.43 4.80
C ALA A 50 5.49 -18.17 5.10
N GLN A 51 4.44 -18.31 5.93
CA GLN A 51 3.69 -17.15 6.40
C GLN A 51 4.30 -16.61 7.68
N SER A 52 5.26 -17.34 8.24
CA SER A 52 5.89 -16.94 9.50
C SER A 52 7.21 -17.67 9.72
N THR A 53 8.02 -17.23 10.66
CA THR A 53 9.26 -17.93 10.90
C THR A 53 9.10 -19.35 11.44
N GLN A 54 8.03 -19.66 12.14
CA GLN A 54 7.79 -21.03 12.56
C GLN A 54 7.89 -22.01 11.38
N GLU A 55 7.54 -21.53 10.19
CA GLU A 55 7.46 -22.38 9.01
C GLU A 55 8.80 -22.55 8.29
N ILE A 56 9.80 -21.77 8.69
CA ILE A 56 11.10 -21.79 8.03
C ILE A 56 12.01 -22.85 8.64
N HIS A 57 12.72 -23.57 7.78
CA HIS A 57 13.61 -24.63 8.21
C HIS A 57 14.82 -24.08 8.95
N GLU A 58 15.34 -24.86 9.90
CA GLU A 58 16.51 -24.46 10.67
C GLU A 58 17.69 -24.20 9.75
N LYS A 59 17.77 -24.97 8.66
CA LYS A 59 18.85 -24.83 7.71
C LYS A 59 18.86 -23.43 7.11
N VAL A 60 17.69 -22.92 6.77
CA VAL A 60 17.57 -21.58 6.19
C VAL A 60 17.87 -20.54 7.25
N LEU A 61 17.31 -20.74 8.45
CA LEU A 61 17.54 -19.81 9.55
C LEU A 61 19.03 -19.77 9.91
N ASN A 62 19.68 -20.93 9.81
CA ASN A 62 21.08 -21.06 10.18
C ASN A 62 22.04 -20.54 9.12
N GLU A 63 21.71 -20.73 7.85
CA GLU A 63 22.67 -20.55 6.76
C GLU A 63 22.38 -19.40 5.81
N ALA A 64 21.12 -18.95 5.77
CA ALA A 64 20.74 -17.89 4.84
C ALA A 64 21.55 -16.62 5.07
N VAL A 65 22.21 -16.15 4.02
CA VAL A 65 22.98 -14.92 4.06
C VAL A 65 22.16 -13.75 3.53
N GLY A 66 21.20 -14.07 2.66
CA GLY A 66 20.31 -13.05 2.10
C GLY A 66 18.89 -13.56 2.08
N ALA A 67 17.94 -12.63 2.15
CA ALA A 67 16.53 -13.01 2.15
C ALA A 67 15.70 -12.06 1.28
N LEU A 68 14.77 -12.65 0.54
CA LEU A 68 13.80 -11.90 -0.25
C LEU A 68 12.43 -12.14 0.35
N MET A 69 11.64 -11.08 0.50
CA MET A 69 10.31 -11.24 1.05
C MET A 69 9.32 -10.20 0.52
N TYR A 70 8.05 -10.59 0.51
CA TYR A 70 6.97 -9.69 0.15
C TYR A 70 6.39 -9.08 1.42
N HIS A 71 5.09 -8.77 1.41
CA HIS A 71 4.46 -8.08 2.53
C HIS A 71 3.74 -9.03 3.48
N THR A 72 3.66 -10.31 3.12
CA THR A 72 2.80 -11.26 3.83
C THR A 72 3.43 -11.86 5.08
N ILE A 73 4.74 -11.67 5.26
CA ILE A 73 5.40 -12.14 6.47
C ILE A 73 6.01 -10.96 7.22
N THR A 74 6.00 -11.05 8.55
CA THR A 74 6.49 -9.98 9.40
C THR A 74 7.71 -10.47 10.19
N LEU A 75 8.70 -9.60 10.33
CA LEU A 75 9.93 -9.95 11.04
C LEU A 75 10.16 -9.01 12.23
N THR A 76 9.82 -9.48 13.42
CA THR A 76 10.13 -8.76 14.65
C THR A 76 11.59 -9.01 15.00
N ARG A 77 12.09 -8.35 16.05
CA ARG A 77 13.45 -8.57 16.50
C ARG A 77 13.65 -10.03 16.89
N GLU A 78 12.61 -10.63 17.46
CA GLU A 78 12.67 -12.02 17.88
C GLU A 78 12.81 -12.92 16.65
N ASP A 79 12.05 -12.63 15.61
CA ASP A 79 12.13 -13.37 14.35
C ASP A 79 13.52 -13.21 13.75
N LEU A 80 14.02 -11.98 13.75
CA LEU A 80 15.32 -11.66 13.16
C LEU A 80 16.44 -12.39 13.89
N GLU A 81 16.31 -12.52 15.21
CA GLU A 81 17.34 -13.16 16.02
C GLU A 81 17.51 -14.64 15.68
N LYS A 82 16.51 -15.22 15.03
CA LYS A 82 16.56 -16.63 14.63
C LYS A 82 17.53 -16.84 13.45
N PHE A 83 17.87 -15.75 12.75
CA PHE A 83 18.75 -15.84 11.59
C PHE A 83 20.22 -15.67 12.00
N LYS A 84 21.01 -16.72 11.81
CA LYS A 84 22.38 -16.74 12.32
C LYS A 84 23.42 -16.23 11.32
N ALA A 85 23.06 -16.18 10.04
CA ALA A 85 24.03 -15.77 9.01
C ALA A 85 23.47 -14.67 8.10
N LEU A 86 22.27 -14.17 8.41
CA LEU A 86 21.60 -13.22 7.55
C LEU A 86 22.30 -11.86 7.55
N ARG A 87 22.63 -11.38 6.36
CA ARG A 87 23.31 -10.09 6.20
C ARG A 87 22.46 -9.06 5.46
N ILE A 88 21.44 -9.51 4.73
CA ILE A 88 20.60 -8.60 3.98
C ILE A 88 19.20 -9.13 3.74
N ILE A 89 18.21 -8.25 3.91
CA ILE A 89 16.84 -8.53 3.53
C ILE A 89 16.44 -7.54 2.45
N VAL A 90 15.83 -8.04 1.38
CA VAL A 90 15.32 -7.16 0.34
C VAL A 90 13.82 -7.38 0.21
N ARG A 91 13.06 -6.32 0.48
CA ARG A 91 11.62 -6.34 0.26
C ARG A 91 11.33 -6.22 -1.22
N ILE A 92 10.63 -7.19 -1.78
CA ILE A 92 10.14 -7.09 -3.15
C ILE A 92 8.89 -6.22 -3.12
N GLY A 93 9.10 -4.91 -3.12
CA GLY A 93 8.04 -3.95 -2.92
C GLY A 93 8.60 -2.73 -2.22
N SER A 94 7.77 -1.70 -2.04
CA SER A 94 8.23 -0.44 -1.49
C SER A 94 8.07 -0.37 0.04
N GLY A 95 6.95 -0.88 0.54
CA GLY A 95 6.65 -0.80 1.95
C GLY A 95 7.45 -1.82 2.76
N PHE A 96 8.00 -1.38 3.88
CA PHE A 96 8.81 -2.24 4.75
C PHE A 96 8.40 -2.13 6.21
N ASP A 97 7.15 -1.73 6.45
CA ASP A 97 6.61 -1.62 7.80
C ASP A 97 6.49 -2.99 8.46
N ASN A 98 6.57 -4.04 7.66
CA ASN A 98 6.46 -5.40 8.17
C ASN A 98 7.80 -5.94 8.68
N ILE A 99 8.82 -5.08 8.69
CA ILE A 99 10.12 -5.46 9.21
C ILE A 99 10.60 -4.44 10.24
N ASP A 100 11.03 -4.92 11.40
CA ASP A 100 11.69 -4.07 12.38
C ASP A 100 13.09 -3.77 11.85
N ILE A 101 13.18 -2.76 10.99
CA ILE A 101 14.43 -2.44 10.30
C ILE A 101 15.49 -1.92 11.25
N LYS A 102 15.06 -1.28 12.34
CA LYS A 102 15.99 -0.72 13.31
C LYS A 102 16.75 -1.84 14.00
N SER A 103 16.01 -2.82 14.51
CA SER A 103 16.61 -3.98 15.15
C SER A 103 17.43 -4.78 14.15
N ALA A 104 16.93 -4.89 12.92
CA ALA A 104 17.66 -5.56 11.86
C ALA A 104 19.04 -4.95 11.69
N GLY A 105 19.09 -3.63 11.63
CA GLY A 105 20.35 -2.93 11.46
C GLY A 105 21.26 -3.11 12.67
N ASP A 106 20.68 -3.12 13.86
CA ASP A 106 21.43 -3.34 15.08
C ASP A 106 22.03 -4.74 15.08
N LEU A 107 21.35 -5.67 14.41
CA LEU A 107 21.81 -7.06 14.31
C LEU A 107 22.72 -7.27 13.11
N GLY A 108 23.11 -6.18 12.45
CA GLY A 108 24.02 -6.25 11.32
C GLY A 108 23.33 -6.69 10.04
N ILE A 109 22.03 -6.46 9.95
CA ILE A 109 21.26 -6.85 8.78
C ILE A 109 20.75 -5.65 8.01
N ALA A 110 21.29 -5.45 6.81
CA ALA A 110 20.82 -4.41 5.93
C ALA A 110 19.42 -4.76 5.43
N VAL A 111 18.56 -3.75 5.31
CA VAL A 111 17.24 -3.94 4.76
C VAL A 111 17.02 -2.98 3.60
N CYS A 112 16.58 -3.52 2.46
CA CYS A 112 16.37 -2.71 1.26
C CYS A 112 14.95 -2.92 0.73
N ASN A 113 14.53 -2.02 -0.16
CA ASN A 113 13.22 -2.15 -0.80
C ASN A 113 13.31 -1.87 -2.29
N VAL A 114 12.16 -1.89 -2.95
CA VAL A 114 12.05 -1.55 -4.37
C VAL A 114 11.04 -0.40 -4.48
N PRO A 115 11.54 0.84 -4.51
CA PRO A 115 10.70 2.03 -4.38
C PRO A 115 9.84 2.44 -5.59
N ALA A 116 10.27 2.04 -6.77
N ALA A 116 10.09 1.92 -6.78
CA ALA A 116 9.55 2.33 -7.99
CA ALA A 116 9.43 2.50 -7.96
C ALA A 116 8.58 1.19 -8.26
C ALA A 116 8.84 1.58 -9.05
N ALA A 117 8.46 0.31 -7.27
N ALA A 117 8.67 0.28 -8.78
CA ALA A 117 7.55 -0.83 -7.36
CA ALA A 117 8.21 -0.62 -9.82
C ALA A 117 6.12 -0.35 -7.63
C ALA A 117 6.70 -0.51 -10.12
N SER A 118 5.65 -0.56 -8.85
N SER A 118 5.89 -0.36 -9.08
CA SER A 118 4.25 -0.38 -9.17
CA SER A 118 4.42 -0.37 -9.25
C SER A 118 3.72 1.02 -8.89
C SER A 118 3.79 0.97 -8.90
N VAL A 119 4.56 2.04 -9.08
CA VAL A 119 4.10 3.40 -8.77
C VAL A 119 2.85 3.77 -9.55
N GLU A 120 2.88 3.56 -10.86
CA GLU A 120 1.77 3.99 -11.71
C GLU A 120 0.62 2.99 -11.67
N GLU A 121 0.93 1.71 -11.48
CA GLU A 121 -0.13 0.71 -11.29
C GLU A 121 -0.98 1.07 -10.08
N THR A 122 -0.30 1.41 -8.99
CA THR A 122 -0.98 1.76 -7.74
C THR A 122 -1.76 3.06 -7.88
N ALA A 123 -1.20 4.01 -8.61
CA ALA A 123 -1.87 5.29 -8.84
C ALA A 123 -3.12 5.07 -9.70
N ASP A 124 -3.00 4.19 -10.69
CA ASP A 124 -4.13 3.89 -11.56
C ASP A 124 -5.23 3.18 -10.77
N SER A 125 -4.83 2.27 -9.90
CA SER A 125 -5.78 1.58 -9.03
C SER A 125 -6.47 2.56 -8.10
N THR A 126 -5.70 3.53 -7.62
CA THR A 126 -6.24 4.55 -6.74
C THR A 126 -7.29 5.36 -7.46
N LEU A 127 -6.99 5.78 -8.69
CA LEU A 127 -7.95 6.53 -9.50
C LEU A 127 -9.20 5.68 -9.80
N CYS A 128 -8.99 4.39 -10.05
CA CYS A 128 -10.11 3.49 -10.32
C CYS A 128 -11.05 3.47 -9.11
N HIS A 129 -10.50 3.37 -7.93
CA HIS A 129 -11.26 3.39 -6.73
C HIS A 129 -11.99 4.67 -6.52
N ILE A 130 -11.33 5.79 -6.72
CA ILE A 130 -11.94 7.11 -6.60
C ILE A 130 -13.12 7.20 -7.56
N LEU A 131 -12.90 6.79 -8.81
CA LEU A 131 -13.94 6.86 -9.83
C LEU A 131 -15.08 5.89 -9.53
N ASN A 132 -14.77 4.75 -8.93
CA ASN A 132 -15.80 3.79 -8.55
C ASN A 132 -16.71 4.37 -7.46
N LEU A 133 -16.15 5.20 -6.59
CA LEU A 133 -16.93 5.84 -5.54
C LEU A 133 -17.82 6.95 -6.13
N TYR A 134 -17.22 7.83 -6.93
CA TYR A 134 -17.94 8.95 -7.51
C TYR A 134 -18.98 8.53 -8.55
N ARG A 135 -18.67 7.47 -9.29
CA ARG A 135 -19.55 7.01 -10.37
C ARG A 135 -20.36 5.78 -9.96
N ARG A 136 -20.02 5.19 -8.82
CA ARG A 136 -20.74 4.04 -8.28
C ARG A 136 -20.76 2.86 -9.26
N ALA A 137 -19.74 2.77 -10.11
CA ALA A 137 -19.70 1.78 -11.17
C ALA A 137 -19.67 0.35 -10.65
N THR A 138 -18.83 0.09 -9.65
CA THR A 138 -18.69 -1.25 -9.11
C THR A 138 -19.98 -1.71 -8.44
N TRP A 139 -20.62 -0.80 -7.71
CA TRP A 139 -21.87 -1.11 -7.02
C TRP A 139 -23.01 -1.32 -8.00
N LEU A 140 -23.02 -0.57 -9.10
CA LEU A 140 -24.05 -0.71 -10.12
C LEU A 140 -23.95 -2.07 -10.80
N HIS A 141 -22.71 -2.52 -11.04
CA HIS A 141 -22.48 -3.85 -11.60
C HIS A 141 -22.94 -4.93 -10.63
N GLN A 142 -22.57 -4.77 -9.36
CA GLN A 142 -22.98 -5.69 -8.30
C GLN A 142 -24.49 -5.83 -8.27
N ALA A 143 -25.20 -4.71 -8.38
CA ALA A 143 -26.66 -4.71 -8.34
C ALA A 143 -27.26 -5.48 -9.51
N LEU A 144 -26.68 -5.30 -10.70
CA LEU A 144 -27.14 -6.01 -11.88
C LEU A 144 -26.89 -7.52 -11.73
N ARG A 145 -25.74 -7.87 -11.19
CA ARG A 145 -25.42 -9.27 -10.92
C ARG A 145 -26.45 -9.87 -9.98
N GLU A 146 -26.98 -9.05 -9.07
CA GLU A 146 -27.95 -9.51 -8.08
C GLU A 146 -29.36 -9.65 -8.65
N GLY A 147 -29.58 -9.11 -9.84
CA GLY A 147 -30.85 -9.27 -10.53
C GLY A 147 -31.61 -7.97 -10.77
N THR A 148 -31.08 -6.86 -10.27
CA THR A 148 -31.76 -5.58 -10.39
C THR A 148 -32.06 -5.23 -11.84
N ARG A 149 -33.29 -4.75 -12.08
CA ARG A 149 -33.69 -4.25 -13.39
C ARG A 149 -33.90 -2.74 -13.28
N VAL A 150 -33.25 -1.99 -14.17
CA VAL A 150 -33.32 -0.53 -14.12
C VAL A 150 -33.92 0.01 -15.42
N GLN A 151 -35.23 0.21 -15.41
CA GLN A 151 -35.97 0.52 -16.62
C GLN A 151 -36.13 2.02 -16.86
N SER A 152 -36.50 2.75 -15.81
CA SER A 152 -36.85 4.17 -15.96
C SER A 152 -35.69 5.07 -15.54
N VAL A 153 -35.76 6.33 -15.96
CA VAL A 153 -34.77 7.32 -15.55
C VAL A 153 -34.85 7.53 -14.04
N GLU A 154 -36.06 7.43 -13.50
N GLU A 154 -36.07 7.44 -13.51
CA GLU A 154 -36.26 7.57 -12.07
CA GLU A 154 -36.28 7.56 -12.07
C GLU A 154 -35.53 6.46 -11.32
C GLU A 154 -35.51 6.47 -11.33
N GLN A 155 -35.57 5.25 -11.84
CA GLN A 155 -34.88 4.12 -11.24
C GLN A 155 -33.36 4.30 -11.34
N ILE A 156 -32.90 4.79 -12.47
CA ILE A 156 -31.48 5.02 -12.68
C ILE A 156 -30.94 5.97 -11.62
N ARG A 157 -31.66 7.06 -11.37
CA ARG A 157 -31.24 8.05 -10.38
C ARG A 157 -31.22 7.45 -8.98
N GLU A 158 -32.20 6.60 -8.68
CA GLU A 158 -32.32 6.01 -7.35
C GLU A 158 -31.18 5.02 -7.10
N VAL A 159 -30.92 4.15 -8.07
CA VAL A 159 -29.89 3.13 -7.91
C VAL A 159 -28.49 3.74 -7.96
N ALA A 160 -28.34 4.81 -8.73
CA ALA A 160 -27.07 5.52 -8.83
C ALA A 160 -27.02 6.69 -7.84
N SER A 161 -27.99 6.73 -6.93
CA SER A 161 -28.03 7.78 -5.92
C SER A 161 -26.71 7.82 -5.15
N GLY A 162 -26.11 9.00 -5.04
CA GLY A 162 -24.82 9.14 -4.40
C GLY A 162 -23.73 9.48 -5.41
N ALA A 163 -23.97 9.17 -6.67
CA ALA A 163 -23.03 9.53 -7.73
C ALA A 163 -22.93 11.04 -7.82
N ALA A 164 -21.71 11.55 -7.93
CA ALA A 164 -21.48 12.99 -7.83
C ALA A 164 -20.55 13.49 -8.94
N ARG A 165 -20.80 14.72 -9.39
CA ARG A 165 -19.96 15.37 -10.37
C ARG A 165 -18.57 15.60 -9.78
N ILE A 166 -17.54 15.38 -10.58
CA ILE A 166 -16.17 15.42 -10.07
C ILE A 166 -15.55 16.83 -10.15
N ARG A 167 -15.78 17.55 -11.25
CA ARG A 167 -15.16 18.86 -11.42
C ARG A 167 -15.52 19.80 -10.27
N GLY A 168 -14.52 20.43 -9.68
CA GLY A 168 -14.74 21.36 -8.59
C GLY A 168 -14.65 20.70 -7.23
N GLU A 169 -14.65 19.37 -7.23
CA GLU A 169 -14.49 18.62 -5.98
C GLU A 169 -13.04 18.71 -5.53
N THR A 170 -12.83 18.57 -4.23
CA THR A 170 -11.48 18.67 -3.68
C THR A 170 -10.96 17.30 -3.25
N LEU A 171 -9.86 16.88 -3.86
CA LEU A 171 -9.20 15.64 -3.48
C LEU A 171 -8.05 15.93 -2.54
N GLY A 172 -8.11 15.36 -1.34
CA GLY A 172 -7.06 15.52 -0.36
C GLY A 172 -6.12 14.33 -0.36
N ILE A 173 -4.84 14.59 -0.61
CA ILE A 173 -3.83 13.54 -0.61
C ILE A 173 -3.01 13.60 0.66
N ILE A 174 -2.93 12.47 1.36
CA ILE A 174 -2.10 12.37 2.55
C ILE A 174 -0.86 11.55 2.20
N GLY A 175 0.27 12.24 2.10
CA GLY A 175 1.50 11.61 1.63
C GLY A 175 1.68 11.86 0.15
N LEU A 176 2.49 12.87 -0.18
CA LEU A 176 2.74 13.22 -1.58
C LEU A 176 4.09 12.69 -2.03
N GLY A 177 4.24 11.36 -2.00
CA GLY A 177 5.43 10.73 -2.50
C GLY A 177 5.25 10.32 -3.94
N ARG A 178 5.82 9.19 -4.32
CA ARG A 178 5.78 8.71 -5.69
C ARG A 178 4.36 8.45 -6.16
N VAL A 179 3.61 7.68 -5.40
CA VAL A 179 2.24 7.34 -5.76
C VAL A 179 1.34 8.56 -5.62
N GLY A 180 1.47 9.28 -4.51
CA GLY A 180 0.68 10.48 -4.27
C GLY A 180 0.81 11.49 -5.41
N GLN A 181 2.02 11.67 -5.90
CA GLN A 181 2.27 12.61 -7.00
C GLN A 181 1.63 12.11 -8.29
N ALA A 182 1.79 10.82 -8.57
CA ALA A 182 1.17 10.23 -9.75
C ALA A 182 -0.34 10.37 -9.70
N VAL A 183 -0.90 10.21 -8.50
CA VAL A 183 -2.35 10.36 -8.31
C VAL A 183 -2.79 11.80 -8.55
N ALA A 184 -2.04 12.74 -7.98
CA ALA A 184 -2.36 14.15 -8.12
C ALA A 184 -2.45 14.57 -9.58
N LEU A 185 -1.44 14.21 -10.37
CA LEU A 185 -1.41 14.57 -11.78
C LEU A 185 -2.64 14.02 -12.52
N ARG A 186 -2.97 12.76 -12.26
CA ARG A 186 -4.14 12.14 -12.88
C ARG A 186 -5.42 12.85 -12.42
N ALA A 187 -5.49 13.16 -11.13
CA ALA A 187 -6.68 13.77 -10.55
C ALA A 187 -7.02 15.10 -11.21
N LYS A 188 -5.99 15.90 -11.52
CA LYS A 188 -6.21 17.20 -12.13
C LYS A 188 -6.91 17.07 -13.48
N ALA A 189 -6.63 15.98 -14.18
CA ALA A 189 -7.21 15.76 -15.50
C ALA A 189 -8.72 15.57 -15.43
N PHE A 190 -9.24 15.31 -14.23
CA PHE A 190 -10.67 15.09 -14.04
C PHE A 190 -11.36 16.35 -13.51
N GLY A 191 -10.59 17.38 -13.21
CA GLY A 191 -11.14 18.61 -12.68
C GLY A 191 -11.11 18.68 -11.17
N PHE A 192 -10.40 17.75 -10.54
CA PHE A 192 -10.23 17.79 -9.08
C PHE A 192 -9.37 18.98 -8.67
N ASN A 193 -9.77 19.62 -7.58
CA ASN A 193 -8.90 20.55 -6.88
C ASN A 193 -8.05 19.74 -5.93
N VAL A 194 -6.74 19.69 -6.15
CA VAL A 194 -5.87 18.80 -5.38
C VAL A 194 -5.15 19.49 -4.23
N LEU A 195 -5.39 19.01 -3.02
CA LEU A 195 -4.65 19.43 -1.84
C LEU A 195 -3.83 18.26 -1.33
N PHE A 196 -2.76 18.55 -0.58
CA PHE A 196 -2.01 17.48 0.05
C PHE A 196 -1.45 17.88 1.41
N TYR A 197 -1.27 16.89 2.27
CA TYR A 197 -0.62 17.07 3.55
C TYR A 197 0.51 16.06 3.65
N ASP A 198 1.73 16.57 3.84
CA ASP A 198 2.91 15.73 3.97
C ASP A 198 3.96 16.49 4.76
N PRO A 199 4.02 16.25 6.07
CA PRO A 199 4.83 17.07 6.99
C PRO A 199 6.34 16.83 6.86
N TYR A 200 6.75 15.82 6.12
CA TYR A 200 8.17 15.48 6.01
C TYR A 200 8.80 16.05 4.75
N LEU A 201 7.99 16.60 3.85
CA LEU A 201 8.50 17.19 2.61
C LEU A 201 9.03 18.59 2.83
N SER A 202 10.01 18.97 2.04
CA SER A 202 10.60 20.30 2.12
C SER A 202 9.74 21.32 1.38
N ASP A 203 9.98 22.59 1.65
CA ASP A 203 9.26 23.67 0.99
C ASP A 203 9.38 23.58 -0.54
N GLY A 204 8.25 23.73 -1.23
CA GLY A 204 8.28 24.03 -2.65
C GLY A 204 7.69 23.04 -3.63
N VAL A 205 7.55 21.79 -3.23
CA VAL A 205 7.06 20.77 -4.14
C VAL A 205 5.68 21.16 -4.65
N GLU A 206 4.91 21.85 -3.82
CA GLU A 206 3.57 22.25 -4.18
C GLU A 206 3.58 23.19 -5.39
N ARG A 207 4.61 24.02 -5.48
CA ARG A 207 4.73 24.95 -6.60
C ARG A 207 5.18 24.21 -7.86
N ALA A 208 6.10 23.27 -7.68
CA ALA A 208 6.63 22.50 -8.79
C ALA A 208 5.54 21.72 -9.52
N LEU A 209 4.59 21.20 -8.76
CA LEU A 209 3.56 20.32 -9.33
C LEU A 209 2.20 21.00 -9.45
N GLY A 210 2.11 22.27 -9.05
CA GLY A 210 0.87 23.01 -9.17
C GLY A 210 -0.21 22.49 -8.24
N LEU A 211 0.14 22.28 -6.98
CA LEU A 211 -0.79 21.78 -5.99
C LEU A 211 -0.93 22.77 -4.84
N GLN A 212 -1.92 22.54 -3.99
CA GLN A 212 -2.09 23.33 -2.78
C GLN A 212 -1.70 22.49 -1.58
N ARG A 213 -0.85 23.03 -0.72
CA ARG A 213 -0.38 22.31 0.45
C ARG A 213 -1.01 22.89 1.71
N VAL A 214 -1.35 22.02 2.65
CA VAL A 214 -1.82 22.46 3.96
C VAL A 214 -0.92 21.90 5.04
N SER A 215 -0.86 22.59 6.18
CA SER A 215 0.14 22.31 7.19
C SER A 215 -0.28 21.28 8.21
N THR A 216 -1.59 21.03 8.33
CA THR A 216 -2.09 20.07 9.31
C THR A 216 -3.03 19.05 8.67
N LEU A 217 -3.10 17.88 9.29
CA LEU A 217 -4.00 16.83 8.85
C LEU A 217 -5.45 17.31 8.93
N GLN A 218 -5.77 18.06 9.99
CA GLN A 218 -7.12 18.58 10.17
C GLN A 218 -7.53 19.48 9.02
N ASP A 219 -6.62 20.33 8.58
CA ASP A 219 -6.87 21.21 7.43
C ASP A 219 -7.21 20.38 6.19
N LEU A 220 -6.39 19.36 5.94
CA LEU A 220 -6.62 18.45 4.83
C LEU A 220 -8.02 17.87 4.89
N LEU A 221 -8.34 17.26 6.03
CA LEU A 221 -9.62 16.58 6.22
C LEU A 221 -10.80 17.55 6.14
N PHE A 222 -10.58 18.77 6.61
CA PHE A 222 -11.64 19.77 6.68
C PHE A 222 -12.05 20.29 5.31
N HIS A 223 -11.11 20.32 4.37
CA HIS A 223 -11.35 20.91 3.06
C HIS A 223 -11.53 19.87 1.94
N SER A 224 -11.51 18.60 2.30
CA SER A 224 -11.49 17.54 1.28
C SER A 224 -12.80 16.77 1.20
N ASP A 225 -13.31 16.65 -0.03
CA ASP A 225 -14.51 15.85 -0.29
C ASP A 225 -14.11 14.38 -0.37
N CYS A 226 -12.93 14.12 -0.90
CA CYS A 226 -12.42 12.77 -1.01
C CYS A 226 -10.99 12.73 -0.47
N VAL A 227 -10.75 11.83 0.49
CA VAL A 227 -9.45 11.69 1.11
C VAL A 227 -8.80 10.40 0.65
N THR A 228 -7.55 10.48 0.21
CA THR A 228 -6.84 9.30 -0.26
C THR A 228 -5.46 9.21 0.37
N LEU A 229 -5.16 8.03 0.92
CA LEU A 229 -3.93 7.82 1.68
C LEU A 229 -2.80 7.28 0.81
N HIS A 230 -1.62 7.89 0.94
CA HIS A 230 -0.46 7.46 0.16
C HIS A 230 0.83 7.64 0.94
N CYS A 231 0.73 7.51 2.27
CA CYS A 231 1.89 7.62 3.13
C CYS A 231 2.32 6.23 3.59
N GLY A 232 3.60 6.10 3.94
CA GLY A 232 4.10 4.86 4.52
C GLY A 232 3.57 4.69 5.92
N LEU A 233 3.53 3.45 6.40
CA LEU A 233 3.15 3.18 7.78
C LEU A 233 4.39 3.25 8.65
N ASN A 234 4.38 4.18 9.62
CA ASN A 234 5.53 4.38 10.48
C ASN A 234 5.10 4.53 11.95
N GLU A 235 6.06 4.82 12.81
CA GLU A 235 5.82 4.89 14.25
C GLU A 235 4.77 5.91 14.66
N HIS A 236 4.52 6.91 13.82
CA HIS A 236 3.71 8.06 14.25
C HIS A 236 2.37 8.23 13.55
N ASN A 237 1.97 7.26 12.72
CA ASN A 237 0.68 7.37 12.03
C ASN A 237 -0.17 6.11 12.03
N HIS A 238 0.00 5.23 13.01
CA HIS A 238 -0.91 4.11 13.17
CA HIS A 238 -0.91 4.11 13.18
C HIS A 238 -2.28 4.67 13.55
N HIS A 239 -3.31 4.21 12.84
CA HIS A 239 -4.66 4.72 13.07
C HIS A 239 -4.71 6.24 12.89
N LEU A 240 -3.99 6.73 11.89
CA LEU A 240 -4.03 8.15 11.53
C LEU A 240 -5.48 8.58 11.34
N ILE A 241 -6.26 7.69 10.73
CA ILE A 241 -7.71 7.88 10.63
C ILE A 241 -8.36 7.14 11.80
N ASN A 242 -8.94 7.90 12.72
CA ASN A 242 -9.50 7.34 13.95
C ASN A 242 -10.82 8.03 14.30
N ASP A 243 -11.38 7.68 15.45
CA ASP A 243 -12.63 8.29 15.91
C ASP A 243 -12.52 9.82 15.92
N PHE A 244 -11.38 10.31 16.37
CA PHE A 244 -11.15 11.75 16.47
C PHE A 244 -11.07 12.42 15.10
N THR A 245 -10.20 11.91 14.24
CA THR A 245 -9.94 12.55 12.95
C THR A 245 -11.06 12.33 11.94
N VAL A 246 -11.81 11.24 12.08
CA VAL A 246 -12.96 11.01 11.21
C VAL A 246 -13.98 12.13 11.41
N LYS A 247 -14.10 12.61 12.64
CA LYS A 247 -15.03 13.69 12.96
C LYS A 247 -14.61 14.99 12.28
N GLN A 248 -13.33 15.08 11.93
CA GLN A 248 -12.80 16.25 11.25
C GLN A 248 -13.06 16.20 9.74
N MET A 249 -13.47 15.03 9.25
CA MET A 249 -13.74 14.86 7.83
C MET A 249 -15.10 15.44 7.45
N ARG A 250 -15.19 15.97 6.25
CA ARG A 250 -16.44 16.55 5.76
C ARG A 250 -17.57 15.55 5.79
N GLN A 251 -18.80 16.05 5.89
CA GLN A 251 -19.98 15.21 5.91
C GLN A 251 -20.21 14.59 4.54
N GLY A 252 -20.31 13.26 4.49
CA GLY A 252 -20.53 12.57 3.24
C GLY A 252 -19.27 12.44 2.42
N ALA A 253 -18.11 12.52 3.09
CA ALA A 253 -16.82 12.45 2.41
C ALA A 253 -16.50 11.03 1.97
N PHE A 254 -15.63 10.90 0.98
CA PHE A 254 -15.13 9.61 0.52
C PHE A 254 -13.77 9.33 1.15
N LEU A 255 -13.44 8.05 1.32
CA LEU A 255 -12.11 7.66 1.76
C LEU A 255 -11.55 6.54 0.88
N VAL A 256 -10.30 6.71 0.45
CA VAL A 256 -9.63 5.70 -0.36
C VAL A 256 -8.30 5.35 0.31
N ASN A 257 -7.99 4.05 0.38
CA ASN A 257 -6.72 3.62 0.96
C ASN A 257 -6.05 2.49 0.18
N THR A 258 -4.96 2.82 -0.50
CA THR A 258 -4.13 1.84 -1.17
C THR A 258 -2.74 1.83 -0.56
N ALA A 259 -2.60 2.44 0.62
CA ALA A 259 -1.31 2.52 1.28
C ALA A 259 -1.10 1.33 2.22
N ARG A 260 -1.54 1.48 3.47
CA ARG A 260 -1.41 0.43 4.48
C ARG A 260 -2.65 0.40 5.37
N GLY A 261 -3.11 -0.80 5.69
CA GLY A 261 -4.32 -0.97 6.47
C GLY A 261 -4.21 -0.40 7.88
N GLY A 262 -3.00 -0.43 8.43
CA GLY A 262 -2.78 0.04 9.78
C GLY A 262 -3.04 1.53 9.95
N LEU A 263 -3.18 2.24 8.83
CA LEU A 263 -3.41 3.67 8.86
C LEU A 263 -4.82 4.02 9.31
N VAL A 264 -5.71 3.03 9.26
CA VAL A 264 -7.12 3.28 9.52
C VAL A 264 -7.68 2.40 10.62
N ASP A 265 -8.36 3.02 11.57
CA ASP A 265 -9.12 2.29 12.60
C ASP A 265 -10.44 1.85 11.98
N GLU A 266 -10.50 0.59 11.56
CA GLU A 266 -11.66 0.10 10.83
C GLU A 266 -12.94 0.10 11.67
N LYS A 267 -12.79 0.19 12.99
CA LYS A 267 -13.95 0.33 13.86
C LYS A 267 -14.60 1.69 13.64
N ALA A 268 -13.78 2.74 13.64
CA ALA A 268 -14.27 4.10 13.44
C ALA A 268 -14.83 4.27 12.03
N LEU A 269 -14.20 3.63 11.06
CA LEU A 269 -14.64 3.72 9.68
C LEU A 269 -16.01 3.04 9.49
N ALA A 270 -16.17 1.88 10.11
CA ALA A 270 -17.43 1.15 10.04
C ALA A 270 -18.57 2.01 10.57
N GLN A 271 -18.37 2.57 11.76
CA GLN A 271 -19.40 3.40 12.40
C GLN A 271 -19.72 4.60 11.52
N ALA A 272 -18.69 5.18 10.89
CA ALA A 272 -18.87 6.33 10.03
C ALA A 272 -19.72 5.99 8.82
N LEU A 273 -19.44 4.84 8.21
CA LEU A 273 -20.18 4.39 7.04
C LEU A 273 -21.65 4.13 7.39
N LYS A 274 -21.89 3.47 8.51
CA LYS A 274 -23.25 3.17 8.95
C LYS A 274 -24.03 4.44 9.22
N GLU A 275 -23.38 5.41 9.86
CA GLU A 275 -24.02 6.68 10.20
C GLU A 275 -24.12 7.62 8.99
N GLY A 276 -23.46 7.26 7.90
CA GLY A 276 -23.49 8.08 6.70
C GLY A 276 -22.57 9.28 6.79
N ARG A 277 -21.81 9.39 7.88
CA ARG A 277 -20.84 10.47 8.02
C ARG A 277 -19.83 10.36 6.90
N ILE A 278 -19.49 9.12 6.53
CA ILE A 278 -18.67 8.86 5.36
C ILE A 278 -19.54 8.14 4.33
N ARG A 279 -19.63 8.72 3.14
CA ARG A 279 -20.55 8.24 2.12
C ARG A 279 -20.08 6.95 1.47
N GLY A 280 -18.77 6.74 1.43
CA GLY A 280 -18.20 5.57 0.80
C GLY A 280 -16.72 5.43 1.08
N ALA A 281 -16.23 4.20 1.07
CA ALA A 281 -14.82 3.94 1.27
C ALA A 281 -14.34 2.87 0.30
N ALA A 282 -13.11 3.02 -0.19
CA ALA A 282 -12.52 2.06 -1.10
C ALA A 282 -11.15 1.66 -0.55
N LEU A 283 -11.01 0.38 -0.21
CA LEU A 283 -9.80 -0.10 0.47
C LEU A 283 -9.16 -1.26 -0.28
N ASP A 284 -7.87 -1.13 -0.57
CA ASP A 284 -7.11 -2.22 -1.15
C ASP A 284 -6.25 -2.88 -0.07
N VAL A 285 -6.14 -2.22 1.08
CA VAL A 285 -5.36 -2.72 2.19
C VAL A 285 -6.21 -2.66 3.46
N HIS A 286 -5.89 -3.50 4.44
CA HIS A 286 -6.71 -3.62 5.64
C HIS A 286 -5.86 -3.95 6.88
N GLU A 287 -6.43 -3.71 8.06
CA GLU A 287 -5.73 -3.94 9.32
C GLU A 287 -5.27 -5.39 9.42
N SER A 288 -6.15 -6.31 9.07
CA SER A 288 -5.79 -7.73 9.03
C SER A 288 -6.00 -8.27 7.62
N GLU A 289 -4.90 -8.67 6.98
CA GLU A 289 -4.96 -9.27 5.65
C GLU A 289 -4.52 -10.73 5.76
N PRO A 290 -5.09 -11.61 4.92
CA PRO A 290 -6.05 -11.32 3.84
C PRO A 290 -7.40 -10.83 4.35
N PHE A 291 -8.09 -10.03 3.55
CA PHE A 291 -9.37 -9.45 3.93
C PHE A 291 -10.53 -10.38 3.62
N SER A 292 -11.57 -10.32 4.44
CA SER A 292 -12.81 -11.03 4.20
C SER A 292 -13.99 -10.16 4.57
N PHE A 293 -15.03 -10.16 3.74
CA PHE A 293 -16.23 -9.40 4.01
C PHE A 293 -17.05 -9.99 5.15
N SER A 294 -16.67 -11.19 5.60
CA SER A 294 -17.42 -11.89 6.63
C SER A 294 -16.75 -11.80 8.00
N GLN A 295 -15.51 -11.31 8.02
CA GLN A 295 -14.74 -11.26 9.26
C GLN A 295 -14.22 -9.86 9.56
N GLY A 296 -14.72 -9.26 10.63
CA GLY A 296 -14.21 -7.99 11.11
C GLY A 296 -15.27 -6.90 11.22
N PRO A 297 -14.85 -5.71 11.66
CA PRO A 297 -15.72 -4.53 11.87
C PRO A 297 -16.46 -4.12 10.60
N LEU A 298 -15.83 -4.32 9.46
CA LEU A 298 -16.39 -3.90 8.18
C LEU A 298 -17.39 -4.92 7.63
N LYS A 299 -17.62 -5.99 8.40
CA LYS A 299 -18.50 -7.06 7.98
C LYS A 299 -19.85 -6.56 7.48
N ASP A 300 -20.53 -5.76 8.29
CA ASP A 300 -21.85 -5.27 7.94
C ASP A 300 -21.85 -3.77 7.62
N ALA A 301 -20.70 -3.26 7.20
CA ALA A 301 -20.57 -1.85 6.86
C ALA A 301 -20.98 -1.61 5.41
N PRO A 302 -21.80 -0.57 5.17
CA PRO A 302 -22.33 -0.25 3.84
C PRO A 302 -21.41 0.64 3.00
N ASN A 303 -21.73 0.76 1.72
CA ASN A 303 -20.99 1.64 0.81
C ASN A 303 -19.51 1.38 0.86
N LEU A 304 -19.13 0.13 0.66
CA LEU A 304 -17.75 -0.29 0.79
C LEU A 304 -17.26 -0.98 -0.46
N ILE A 305 -16.08 -0.58 -0.94
CA ILE A 305 -15.39 -1.31 -1.98
C ILE A 305 -14.07 -1.83 -1.41
N CYS A 306 -13.70 -3.04 -1.79
CA CYS A 306 -12.51 -3.67 -1.25
C CYS A 306 -11.84 -4.52 -2.31
N THR A 307 -10.51 -4.45 -2.36
CA THR A 307 -9.73 -5.31 -3.22
C THR A 307 -8.60 -5.90 -2.38
N PRO A 308 -8.10 -7.08 -2.78
CA PRO A 308 -7.17 -7.86 -1.96
C PRO A 308 -5.71 -7.48 -2.11
N HIS A 309 -5.37 -6.22 -1.83
CA HIS A 309 -4.00 -5.76 -1.91
C HIS A 309 -3.42 -6.06 -3.29
N ALA A 310 -4.13 -5.62 -4.32
CA ALA A 310 -3.74 -5.89 -5.71
C ALA A 310 -3.51 -4.61 -6.52
N ALA A 311 -3.52 -3.46 -5.84
CA ALA A 311 -3.32 -2.18 -6.51
C ALA A 311 -2.01 -2.17 -7.28
N TRP A 312 -1.02 -2.90 -6.74
CA TRP A 312 0.32 -2.93 -7.29
C TRP A 312 0.45 -3.78 -8.55
N TYR A 313 -0.49 -4.70 -8.77
CA TYR A 313 -0.23 -5.79 -9.71
C TYR A 313 -0.40 -5.49 -11.20
N SER A 314 0.65 -5.81 -11.95
CA SER A 314 0.59 -6.01 -13.40
C SER A 314 1.72 -6.98 -13.67
N GLU A 315 1.66 -7.73 -14.76
CA GLU A 315 2.73 -8.69 -15.05
C GLU A 315 4.07 -7.98 -15.14
N GLN A 316 4.09 -6.86 -15.85
CA GLN A 316 5.32 -6.10 -16.05
C GLN A 316 5.87 -5.58 -14.72
N ALA A 317 4.98 -5.07 -13.87
CA ALA A 317 5.38 -4.54 -12.58
C ALA A 317 5.97 -5.64 -11.70
N SER A 318 5.28 -6.78 -11.66
CA SER A 318 5.70 -7.91 -10.83
C SER A 318 7.09 -8.38 -11.21
N ILE A 319 7.33 -8.50 -12.51
CA ILE A 319 8.64 -8.92 -13.02
C ILE A 319 9.70 -7.87 -12.70
N GLU A 320 9.37 -6.61 -12.93
CA GLU A 320 10.30 -5.51 -12.71
C GLU A 320 10.86 -5.47 -11.29
N MET A 321 9.97 -5.46 -10.31
CA MET A 321 10.38 -5.35 -8.92
C MET A 321 11.19 -6.56 -8.46
N ARG A 322 10.85 -7.74 -8.98
CA ARG A 322 11.57 -8.95 -8.63
C ARG A 322 12.99 -8.89 -9.21
N GLU A 323 13.12 -8.35 -10.41
CA GLU A 323 14.41 -8.20 -11.06
C GLU A 323 15.28 -7.18 -10.31
N GLU A 324 14.66 -6.09 -9.86
CA GLU A 324 15.38 -5.08 -9.08
C GLU A 324 15.84 -5.66 -7.74
N ALA A 325 14.97 -6.43 -7.10
CA ALA A 325 15.27 -7.02 -5.80
C ALA A 325 16.44 -7.99 -5.91
N ALA A 326 16.45 -8.79 -6.98
CA ALA A 326 17.52 -9.76 -7.18
C ALA A 326 18.84 -9.04 -7.44
N ARG A 327 18.79 -7.97 -8.22
CA ARG A 327 19.99 -7.19 -8.49
C ARG A 327 20.55 -6.61 -7.20
N GLU A 328 19.67 -6.22 -6.28
CA GLU A 328 20.10 -5.69 -4.99
C GLU A 328 20.78 -6.78 -4.18
N ILE A 329 20.19 -7.97 -4.19
CA ILE A 329 20.81 -9.13 -3.54
C ILE A 329 22.20 -9.37 -4.13
N ARG A 330 22.28 -9.34 -5.46
CA ARG A 330 23.55 -9.60 -6.13
C ARG A 330 24.60 -8.55 -5.76
N ARG A 331 24.20 -7.29 -5.72
CA ARG A 331 25.13 -6.22 -5.36
C ARG A 331 25.67 -6.44 -3.96
N ALA A 332 24.84 -6.96 -3.06
CA ALA A 332 25.23 -7.21 -1.69
C ALA A 332 26.28 -8.33 -1.60
N ILE A 333 26.03 -9.43 -2.31
CA ILE A 333 26.92 -10.59 -2.27
C ILE A 333 28.24 -10.30 -2.99
N THR A 334 28.17 -9.65 -4.14
CA THR A 334 29.34 -9.41 -4.96
C THR A 334 30.14 -8.21 -4.49
N GLY A 335 29.53 -7.35 -3.70
CA GLY A 335 30.17 -6.14 -3.24
C GLY A 335 30.28 -6.03 -1.73
N ARG A 336 30.25 -4.80 -1.22
CA ARG A 336 30.33 -4.55 0.21
C ARG A 336 29.03 -3.94 0.72
N ILE A 337 28.60 -4.37 1.89
CA ILE A 337 27.40 -3.83 2.52
C ILE A 337 27.81 -2.74 3.51
N PRO A 338 27.07 -1.61 3.54
CA PRO A 338 25.93 -1.28 2.69
C PRO A 338 26.28 -0.34 1.54
N ASP A 339 27.56 -0.16 1.26
CA ASP A 339 27.99 0.83 0.27
C ASP A 339 27.50 0.53 -1.15
N SER A 340 27.43 -0.74 -1.51
CA SER A 340 27.06 -1.13 -2.86
C SER A 340 25.56 -1.14 -3.07
N LEU A 341 24.80 -0.96 -2.00
CA LEU A 341 23.35 -1.06 -2.05
C LEU A 341 22.72 0.22 -2.60
N LYS A 342 21.67 -0.01 -3.36
CA LYS A 342 20.96 1.01 -4.11
C LYS A 342 19.84 1.62 -3.28
N ASN A 343 19.18 0.76 -2.55
CA ASN A 343 17.96 1.10 -1.82
C ASN A 343 17.92 0.56 -0.40
N CYS A 344 19.02 0.71 0.33
CA CYS A 344 19.04 0.37 1.74
C CYS A 344 18.29 1.44 2.51
N VAL A 345 17.33 1.02 3.34
CA VAL A 345 16.49 1.96 4.08
C VAL A 345 16.77 1.96 5.58
N ASN A 346 17.86 1.34 6.00
CA ASN A 346 18.21 1.31 7.41
C ASN A 346 19.70 1.56 7.67
N LYS A 347 20.32 2.38 6.86
CA LYS A 347 21.65 2.86 7.19
C LYS A 347 21.56 3.69 8.48
#